data_4WPM
#
_entry.id   4WPM
#
_cell.length_a   113.731
_cell.length_b   29.796
_cell.length_c   52.453
_cell.angle_alpha   90.00
_cell.angle_beta   96.53
_cell.angle_gamma   90.00
#
_symmetry.space_group_name_H-M   'C 1 2 1'
#
loop_
_entity.id
_entity.type
_entity.pdbx_description
1 polymer 'mRNA export protein'
2 non-polymer 'SULFATE ION'
3 water water
#
_entity_poly.entity_id   1
_entity_poly.type   'polypeptide(L)'
_entity_poly.pdbx_seq_one_letter_code
;GSHHHHHHSQDPMKTQPNKTVIKILGLKNSKAASNPDGGLRSLLDFLERKSKEKITLGRGIIDGDYVWLKVNKDDAQHLL
RLNGFTYAGATLTIEETNEPMPALSSQSKLSQAAQETKQKL
;
_entity_poly.pdbx_strand_id   A,B
#
loop_
_chem_comp.id
_chem_comp.type
_chem_comp.name
_chem_comp.formula
SO4 non-polymer 'SULFATE ION' 'O4 S -2'
#
# COMPACT_ATOMS: atom_id res chain seq x y z
N LYS A 19 8.04 -2.39 21.51
CA LYS A 19 7.86 -2.85 20.13
C LYS A 19 7.28 -1.74 19.25
N THR A 20 7.59 -1.79 17.97
CA THR A 20 7.14 -0.80 17.00
C THR A 20 6.75 -1.47 15.70
N VAL A 21 5.79 -0.87 14.98
CA VAL A 21 5.35 -1.40 13.70
C VAL A 21 5.92 -0.57 12.55
N ILE A 22 6.49 -1.25 11.58
CA ILE A 22 7.04 -0.60 10.38
C ILE A 22 6.30 -1.05 9.13
N LYS A 23 5.95 -0.10 8.29
CA LYS A 23 5.32 -0.37 7.00
C LYS A 23 6.31 -0.08 5.87
N ILE A 24 6.46 -1.03 4.95
CA ILE A 24 7.36 -0.89 3.82
C ILE A 24 6.60 -1.00 2.50
N LEU A 25 6.83 -0.03 1.62
CA LEU A 25 6.18 0.03 0.31
C LEU A 25 7.21 -0.02 -0.80
N GLY A 26 6.88 -0.71 -1.88
CA GLY A 26 7.73 -0.75 -3.06
C GLY A 26 8.28 -2.12 -3.42
N LEU A 27 7.99 -3.12 -2.61
CA LEU A 27 8.46 -4.48 -2.87
C LEU A 27 7.78 -5.05 -4.10
N LYS A 28 6.52 -4.69 -4.30
CA LYS A 28 5.74 -5.18 -5.43
C LYS A 28 6.32 -4.70 -6.76
N ASN A 29 6.90 -3.51 -6.75
CA ASN A 29 7.50 -2.92 -7.94
C ASN A 29 8.89 -3.46 -8.22
N SER A 30 9.43 -4.20 -7.26
CA SER A 30 10.81 -4.68 -7.34
C SER A 30 10.91 -6.00 -8.11
N LYS A 31 12.14 -6.40 -8.43
CA LYS A 31 12.39 -7.66 -9.12
C LYS A 31 12.17 -8.85 -8.21
N ALA A 32 12.29 -8.62 -6.90
CA ALA A 32 12.12 -9.70 -5.92
C ALA A 32 10.66 -10.13 -5.80
N ALA A 33 9.76 -9.33 -6.36
CA ALA A 33 8.33 -9.60 -6.25
C ALA A 33 7.96 -10.95 -6.88
N SER A 34 8.70 -11.34 -7.90
CA SER A 34 8.43 -12.58 -8.63
C SER A 34 8.89 -13.81 -7.86
N ASN A 35 9.50 -13.61 -6.70
CA ASN A 35 9.99 -14.72 -5.90
C ASN A 35 8.85 -15.59 -5.36
N PRO A 36 9.18 -16.82 -4.95
CA PRO A 36 8.19 -17.75 -4.38
C PRO A 36 7.46 -17.18 -3.17
N ASP A 37 8.19 -16.49 -2.29
CA ASP A 37 7.60 -15.92 -1.09
C ASP A 37 7.27 -14.43 -1.25
N GLY A 38 7.26 -13.97 -2.50
CA GLY A 38 6.94 -12.57 -2.79
C GLY A 38 8.13 -11.65 -2.59
N GLY A 39 9.29 -12.23 -2.29
CA GLY A 39 10.51 -11.47 -2.09
C GLY A 39 10.66 -10.96 -0.67
N LEU A 40 9.85 -11.48 0.25
CA LEU A 40 9.89 -11.06 1.64
C LEU A 40 11.25 -11.32 2.25
N ARG A 41 11.70 -12.57 2.15
CA ARG A 41 12.94 -13.00 2.80
C ARG A 41 14.15 -12.24 2.27
N SER A 42 14.22 -12.08 0.95
CA SER A 42 15.32 -11.37 0.32
C SER A 42 15.35 -9.90 0.77
N LEU A 43 14.15 -9.33 0.97
CA LEU A 43 14.04 -7.96 1.42
C LEU A 43 14.56 -7.79 2.85
N LEU A 44 14.09 -8.65 3.76
CA LEU A 44 14.51 -8.57 5.15
C LEU A 44 16.00 -8.82 5.26
N ASP A 45 16.51 -9.73 4.44
CA ASP A 45 17.94 -9.99 4.41
C ASP A 45 18.69 -8.74 3.98
N PHE A 46 18.15 -8.04 2.99
CA PHE A 46 18.74 -6.80 2.50
C PHE A 46 18.74 -5.71 3.58
N LEU A 47 17.62 -5.60 4.29
CA LEU A 47 17.49 -4.59 5.34
C LEU A 47 18.47 -4.81 6.48
N GLU A 48 18.66 -6.07 6.86
CA GLU A 48 19.58 -6.42 7.94
C GLU A 48 21.02 -6.02 7.59
N ARG A 49 21.44 -6.33 6.36
CA ARG A 49 22.80 -6.03 5.93
C ARG A 49 23.03 -4.53 5.77
N LYS A 50 22.04 -3.84 5.22
CA LYS A 50 22.16 -2.41 4.90
C LYS A 50 22.23 -1.54 6.15
N SER A 51 21.53 -1.98 7.20
CA SER A 51 21.47 -1.21 8.44
C SER A 51 22.83 -1.14 9.11
N LYS A 52 23.61 -2.22 8.99
CA LYS A 52 24.95 -2.32 9.56
C LYS A 52 24.91 -2.30 11.09
N GLU A 53 23.76 -2.61 11.66
CA GLU A 53 23.61 -2.77 13.10
C GLU A 53 23.69 -4.25 13.50
N LYS A 54 23.66 -5.13 12.50
CA LYS A 54 23.46 -6.55 12.73
C LYS A 54 22.14 -6.70 13.49
N ILE A 55 21.08 -6.25 12.82
CA ILE A 55 19.72 -6.39 13.31
C ILE A 55 19.11 -7.72 12.89
N THR A 56 18.26 -8.24 13.76
CA THR A 56 17.51 -9.46 13.49
C THR A 56 16.03 -9.12 13.44
N LEU A 57 15.40 -9.39 12.30
CA LEU A 57 13.99 -9.08 12.09
C LEU A 57 13.17 -10.34 12.31
N GLY A 58 12.39 -10.32 13.39
CA GLY A 58 11.61 -11.48 13.79
C GLY A 58 10.33 -11.65 12.99
N ARG A 59 9.30 -10.86 13.30
CA ARG A 59 8.00 -11.06 12.68
C ARG A 59 7.80 -10.09 11.52
N GLY A 60 7.45 -10.66 10.36
CA GLY A 60 7.09 -9.87 9.19
C GLY A 60 6.07 -10.57 8.31
N ILE A 61 5.32 -9.79 7.55
CA ILE A 61 4.31 -10.32 6.64
C ILE A 61 4.10 -9.42 5.42
N ILE A 62 3.56 -10.00 4.35
CA ILE A 62 3.16 -9.24 3.17
C ILE A 62 1.65 -9.15 3.12
N ASP A 63 1.13 -7.93 3.26
CA ASP A 63 -0.31 -7.67 3.14
C ASP A 63 -0.55 -6.55 2.14
N GLY A 64 -1.21 -6.89 1.04
CA GLY A 64 -1.41 -5.94 -0.04
C GLY A 64 -0.07 -5.59 -0.68
N ASP A 65 0.16 -4.30 -0.89
CA ASP A 65 1.42 -3.83 -1.46
C ASP A 65 2.45 -3.57 -0.37
N TYR A 66 2.04 -3.72 0.88
CA TYR A 66 2.89 -3.39 2.02
C TYR A 66 3.58 -4.60 2.64
N VAL A 67 4.75 -4.35 3.21
CA VAL A 67 5.40 -5.31 4.09
C VAL A 67 5.38 -4.76 5.51
N TRP A 68 4.88 -5.56 6.45
CA TRP A 68 4.75 -5.15 7.83
C TRP A 68 5.85 -5.82 8.66
N LEU A 69 6.49 -5.05 9.53
CA LEU A 69 7.53 -5.57 10.41
C LEU A 69 7.30 -5.09 11.84
N LYS A 70 7.45 -6.01 12.79
CA LYS A 70 7.37 -5.69 14.21
C LYS A 70 8.76 -5.73 14.82
N VAL A 71 9.24 -4.58 15.30
CA VAL A 71 10.60 -4.43 15.79
C VAL A 71 10.67 -3.52 17.01
N ASN A 72 11.78 -3.59 17.74
CA ASN A 72 11.98 -2.70 18.88
C ASN A 72 12.30 -1.29 18.38
N LYS A 73 12.38 -0.33 19.31
CA LYS A 73 12.46 1.08 18.93
C LYS A 73 13.78 1.47 18.27
N ASP A 74 14.90 1.01 18.84
CA ASP A 74 16.21 1.34 18.29
C ASP A 74 16.36 0.76 16.89
N ASP A 75 15.84 -0.43 16.70
CA ASP A 75 15.86 -1.10 15.41
C ASP A 75 15.10 -0.29 14.36
N ALA A 76 14.02 0.35 14.79
CA ALA A 76 13.18 1.13 13.89
C ALA A 76 13.94 2.30 13.27
N GLN A 77 14.82 2.92 14.04
CA GLN A 77 15.56 4.08 13.56
C GLN A 77 16.50 3.74 12.41
N HIS A 78 17.19 2.60 12.52
CA HIS A 78 18.10 2.16 11.48
C HIS A 78 17.34 1.77 10.21
N LEU A 79 16.17 1.15 10.38
CA LEU A 79 15.32 0.80 9.26
C LEU A 79 14.80 2.06 8.57
N LEU A 80 14.44 3.06 9.38
CA LEU A 80 13.90 4.31 8.86
C LEU A 80 14.94 5.08 8.04
N ARG A 81 16.22 4.90 8.34
CA ARG A 81 17.27 5.54 7.56
C ARG A 81 17.27 5.05 6.12
N LEU A 82 16.85 3.80 5.92
CA LEU A 82 16.86 3.20 4.60
C LEU A 82 15.65 3.63 3.76
N ASN A 83 14.82 4.52 4.32
CA ASN A 83 13.69 5.04 3.57
C ASN A 83 14.15 5.80 2.34
N GLY A 84 13.55 5.47 1.19
CA GLY A 84 13.86 6.14 -0.06
C GLY A 84 14.97 5.45 -0.85
N PHE A 85 15.62 4.47 -0.23
CA PHE A 85 16.64 3.68 -0.91
C PHE A 85 16.02 2.76 -1.94
N THR A 86 16.82 2.35 -2.92
CA THR A 86 16.36 1.46 -3.99
C THR A 86 16.77 0.02 -3.68
N TYR A 87 15.79 -0.89 -3.73
CA TYR A 87 16.05 -2.31 -3.57
C TYR A 87 15.46 -3.10 -4.74
N ALA A 88 16.33 -3.87 -5.39
CA ALA A 88 15.94 -4.72 -6.52
C ALA A 88 15.22 -3.89 -7.59
N GLY A 89 15.67 -2.65 -7.76
CA GLY A 89 15.16 -1.80 -8.82
C GLY A 89 13.87 -1.06 -8.48
N ALA A 90 13.54 -0.99 -7.19
CA ALA A 90 12.34 -0.30 -6.74
C ALA A 90 12.63 0.58 -5.53
N THR A 91 12.08 1.78 -5.52
CA THR A 91 12.25 2.72 -4.41
C THR A 91 11.41 2.29 -3.22
N LEU A 92 12.05 2.19 -2.06
CA LEU A 92 11.38 1.78 -0.83
C LEU A 92 10.88 2.99 -0.04
N THR A 93 9.63 2.92 0.42
CA THR A 93 9.09 3.91 1.34
C THR A 93 8.89 3.22 2.68
N ILE A 94 9.70 3.61 3.67
CA ILE A 94 9.65 2.97 4.98
C ILE A 94 9.10 3.96 6.00
N GLU A 95 8.05 3.55 6.72
CA GLU A 95 7.37 4.43 7.67
C GLU A 95 6.96 3.72 8.96
N GLU A 96 6.99 4.46 10.05
CA GLU A 96 6.45 3.97 11.32
C GLU A 96 4.96 4.28 11.39
N THR A 97 4.19 3.39 12.02
CA THR A 97 2.75 3.54 12.11
C THR A 97 2.19 2.98 13.42
N ASN A 98 1.08 3.55 13.87
CA ASN A 98 0.36 3.02 15.02
C ASN A 98 -0.79 2.12 14.58
N GLU A 99 -0.86 1.83 13.28
CA GLU A 99 -1.85 0.91 12.75
C GLU A 99 -1.63 -0.48 13.33
N PRO A 100 -2.72 -1.21 13.64
CA PRO A 100 -2.51 -2.57 14.12
C PRO A 100 -1.97 -3.49 13.03
N MET A 101 -1.07 -4.38 13.39
CA MET A 101 -0.52 -5.34 12.44
C MET A 101 -1.62 -6.32 12.00
N PRO A 102 -1.77 -6.55 10.69
CA PRO A 102 -2.83 -7.46 10.27
C PRO A 102 -2.46 -8.92 10.52
N ALA A 103 -3.43 -9.73 10.91
CA ALA A 103 -3.18 -11.13 11.22
C ALA A 103 -2.73 -11.90 9.99
N ASN B 18 5.18 10.70 -13.42
CA ASN B 18 4.35 10.01 -14.41
C ASN B 18 3.06 9.47 -13.79
N LYS B 19 2.19 8.93 -14.64
CA LYS B 19 0.90 8.43 -14.22
C LYS B 19 0.97 6.98 -13.73
N THR B 20 0.05 6.63 -12.84
CA THR B 20 0.01 5.30 -12.24
C THR B 20 -1.43 4.81 -12.14
N VAL B 21 -1.63 3.50 -12.16
CA VAL B 21 -2.96 2.91 -12.07
C VAL B 21 -3.21 2.34 -10.67
N ILE B 22 -4.37 2.69 -10.10
CA ILE B 22 -4.79 2.20 -8.80
C ILE B 22 -6.05 1.35 -8.91
N LYS B 23 -6.03 0.20 -8.26
CA LYS B 23 -7.21 -0.67 -8.20
C LYS B 23 -7.79 -0.66 -6.79
N ILE B 24 -9.11 -0.49 -6.70
CA ILE B 24 -9.81 -0.48 -5.41
C ILE B 24 -10.81 -1.63 -5.38
N LEU B 25 -10.74 -2.41 -4.31
CA LEU B 25 -11.61 -3.58 -4.16
C LEU B 25 -12.49 -3.45 -2.91
N GLY B 26 -13.73 -3.91 -3.01
CA GLY B 26 -14.63 -3.97 -1.89
C GLY B 26 -15.88 -3.11 -2.02
N LEU B 27 -15.99 -2.35 -3.11
CA LEU B 27 -17.16 -1.49 -3.31
C LEU B 27 -18.40 -2.31 -3.59
N LYS B 28 -18.23 -3.42 -4.31
CA LYS B 28 -19.36 -4.28 -4.64
C LYS B 28 -19.94 -4.94 -3.39
N ASN B 29 -19.07 -5.21 -2.42
CA ASN B 29 -19.47 -5.85 -1.17
C ASN B 29 -20.09 -4.86 -0.20
N SER B 30 -20.00 -3.57 -0.52
CA SER B 30 -20.43 -2.51 0.38
C SER B 30 -21.91 -2.19 0.21
N LYS B 31 -22.44 -1.38 1.14
CA LYS B 31 -23.83 -0.95 1.10
C LYS B 31 -24.09 0.04 -0.04
N ALA B 32 -23.03 0.73 -0.47
CA ALA B 32 -23.14 1.72 -1.53
C ALA B 32 -23.36 1.09 -2.90
N ALA B 33 -23.18 -0.23 -2.98
CA ALA B 33 -23.29 -0.96 -4.24
C ALA B 33 -24.66 -0.83 -4.89
N SER B 34 -25.70 -0.67 -4.06
CA SER B 34 -27.07 -0.62 -4.57
C SER B 34 -27.41 0.71 -5.24
N ASN B 35 -26.46 1.65 -5.23
CA ASN B 35 -26.67 2.94 -5.87
C ASN B 35 -26.79 2.80 -7.39
N PRO B 36 -27.35 3.82 -8.06
CA PRO B 36 -27.50 3.79 -9.52
C PRO B 36 -26.18 3.56 -10.26
N ASP B 37 -25.10 4.21 -9.81
CA ASP B 37 -23.80 4.10 -10.46
C ASP B 37 -22.91 3.09 -9.74
N GLY B 38 -23.51 2.28 -8.87
CA GLY B 38 -22.78 1.27 -8.13
C GLY B 38 -22.05 1.84 -6.93
N GLY B 39 -22.27 3.12 -6.65
CA GLY B 39 -21.64 3.78 -5.52
C GLY B 39 -20.26 4.30 -5.87
N LEU B 40 -19.97 4.35 -7.16
CA LEU B 40 -18.65 4.76 -7.64
C LEU B 40 -18.27 6.17 -7.20
N ARG B 41 -19.10 7.15 -7.53
CA ARG B 41 -18.77 8.54 -7.23
C ARG B 41 -18.68 8.77 -5.73
N SER B 42 -19.61 8.19 -4.98
CA SER B 42 -19.63 8.33 -3.53
C SER B 42 -18.35 7.77 -2.93
N LEU B 43 -17.83 6.71 -3.53
CA LEU B 43 -16.56 6.13 -3.09
C LEU B 43 -15.42 7.11 -3.33
N LEU B 44 -15.34 7.65 -4.54
CA LEU B 44 -14.29 8.59 -4.89
C LEU B 44 -14.38 9.85 -4.03
N ASP B 45 -15.61 10.27 -3.75
CA ASP B 45 -15.84 11.43 -2.88
C ASP B 45 -15.31 11.14 -1.48
N PHE B 46 -15.55 9.93 -1.00
CA PHE B 46 -15.08 9.50 0.32
C PHE B 46 -13.55 9.50 0.38
N LEU B 47 -12.92 9.03 -0.67
CA LEU B 47 -11.46 8.96 -0.73
C LEU B 47 -10.84 10.36 -0.69
N GLU B 48 -11.48 11.30 -1.38
CA GLU B 48 -11.01 12.68 -1.42
C GLU B 48 -11.03 13.29 -0.02
N ARG B 49 -12.11 13.05 0.70
CA ARG B 49 -12.26 13.58 2.06
C ARG B 49 -11.29 12.94 3.05
N LYS B 50 -11.11 11.63 2.91
CA LYS B 50 -10.34 10.87 3.88
C LYS B 50 -8.84 11.19 3.84
N SER B 51 -8.32 11.46 2.64
CA SER B 51 -6.88 11.69 2.47
C SER B 51 -6.39 12.97 3.14
N LYS B 52 -7.15 14.04 2.99
CA LYS B 52 -6.83 15.33 3.58
C LYS B 52 -5.50 15.90 3.09
N GLU B 53 -5.02 15.38 1.97
CA GLU B 53 -3.83 15.91 1.29
C GLU B 53 -4.30 16.82 0.14
N LYS B 54 -5.62 16.89 -0.05
CA LYS B 54 -6.26 17.47 -1.22
C LYS B 54 -5.96 16.67 -2.49
N ILE B 55 -6.44 15.41 -2.51
CA ILE B 55 -6.38 14.59 -3.71
C ILE B 55 -7.63 14.92 -4.50
N THR B 56 -7.53 14.95 -5.83
CA THR B 56 -8.69 15.20 -6.67
C THR B 56 -8.97 14.03 -7.61
N LEU B 57 -10.11 13.39 -7.41
CA LEU B 57 -10.51 12.26 -8.24
C LEU B 57 -11.61 12.66 -9.23
N GLY B 58 -11.24 12.80 -10.50
CA GLY B 58 -12.19 13.15 -11.53
C GLY B 58 -12.92 11.92 -12.02
N ARG B 59 -12.23 11.18 -12.89
CA ARG B 59 -12.78 10.00 -13.54
C ARG B 59 -12.33 8.69 -12.91
N GLY B 60 -13.28 7.80 -12.69
CA GLY B 60 -13.02 6.46 -12.21
C GLY B 60 -13.99 5.53 -12.92
N ILE B 61 -13.68 4.24 -12.95
CA ILE B 61 -14.54 3.27 -13.64
C ILE B 61 -14.58 1.94 -12.90
N ILE B 62 -15.64 1.19 -13.13
CA ILE B 62 -15.81 -0.15 -12.57
C ILE B 62 -15.64 -1.22 -13.65
N ASP B 63 -14.60 -2.03 -13.52
CA ASP B 63 -14.39 -3.16 -14.41
C ASP B 63 -14.18 -4.42 -13.57
N GLY B 64 -15.10 -5.36 -13.69
CA GLY B 64 -15.12 -6.53 -12.83
C GLY B 64 -15.47 -6.14 -11.41
N ASP B 65 -14.72 -6.66 -10.44
CA ASP B 65 -14.93 -6.35 -9.03
C ASP B 65 -14.16 -5.11 -8.58
N TYR B 66 -13.33 -4.58 -9.47
CA TYR B 66 -12.42 -3.48 -9.13
C TYR B 66 -12.92 -2.12 -9.57
N VAL B 67 -12.46 -1.08 -8.87
CA VAL B 67 -12.60 0.30 -9.32
C VAL B 67 -11.22 0.77 -9.76
N TRP B 68 -11.13 1.28 -10.99
CA TRP B 68 -9.85 1.66 -11.57
C TRP B 68 -9.66 3.18 -11.61
N LEU B 69 -8.48 3.63 -11.22
CA LEU B 69 -8.12 5.04 -11.23
C LEU B 69 -6.74 5.27 -11.83
N LYS B 70 -6.63 6.29 -12.68
CA LYS B 70 -5.34 6.73 -13.21
C LYS B 70 -4.92 8.01 -12.54
N VAL B 71 -3.79 7.97 -11.84
CA VAL B 71 -3.34 9.08 -11.01
C VAL B 71 -1.83 9.26 -11.11
N ASN B 72 -1.34 10.43 -10.71
CA ASN B 72 0.09 10.69 -10.65
C ASN B 72 0.72 9.96 -9.48
N LYS B 73 2.04 10.04 -9.38
CA LYS B 73 2.79 9.25 -8.41
C LYS B 73 2.47 9.67 -6.98
N ASP B 74 2.42 10.98 -6.74
CA ASP B 74 2.13 11.50 -5.42
C ASP B 74 0.70 11.12 -4.99
N ASP B 75 -0.24 11.20 -5.92
CA ASP B 75 -1.62 10.81 -5.65
C ASP B 75 -1.73 9.33 -5.30
N ALA B 76 -0.92 8.51 -5.97
CA ALA B 76 -0.97 7.07 -5.77
C ALA B 76 -0.60 6.71 -4.34
N GLN B 77 0.37 7.42 -3.77
CA GLN B 77 0.83 7.17 -2.42
C GLN B 77 -0.26 7.51 -1.41
N HIS B 78 -0.97 8.60 -1.69
CA HIS B 78 -2.04 9.08 -0.82
C HIS B 78 -3.19 8.09 -0.75
N LEU B 79 -3.50 7.48 -1.90
CA LEU B 79 -4.55 6.48 -1.96
C LEU B 79 -4.16 5.20 -1.23
N LEU B 80 -2.91 4.80 -1.36
CA LEU B 80 -2.42 3.58 -0.73
C LEU B 80 -2.47 3.69 0.80
N ARG B 81 -2.34 4.91 1.29
CA ARG B 81 -2.40 5.18 2.72
C ARG B 81 -3.79 4.84 3.27
N LEU B 82 -4.80 5.00 2.42
CA LEU B 82 -6.19 4.77 2.81
C LEU B 82 -6.58 3.30 2.77
N ASN B 83 -5.62 2.44 2.44
CA ASN B 83 -5.86 1.00 2.40
C ASN B 83 -6.24 0.45 3.76
N GLY B 84 -7.30 -0.36 3.79
CA GLY B 84 -7.78 -0.97 5.02
C GLY B 84 -8.89 -0.20 5.71
N PHE B 85 -9.20 1.00 5.23
CA PHE B 85 -10.31 1.76 5.78
C PHE B 85 -11.65 1.12 5.43
N THR B 86 -12.66 1.40 6.24
CA THR B 86 -14.00 0.87 6.02
C THR B 86 -14.88 1.91 5.34
N TYR B 87 -15.50 1.52 4.23
CA TYR B 87 -16.45 2.40 3.53
C TYR B 87 -17.77 1.67 3.27
N ALA B 88 -18.85 2.27 3.74
CA ALA B 88 -20.20 1.73 3.55
C ALA B 88 -20.30 0.29 4.05
N GLY B 89 -19.59 -0.02 5.12
CA GLY B 89 -19.68 -1.33 5.75
C GLY B 89 -18.80 -2.37 5.09
N ALA B 90 -17.85 -1.92 4.29
CA ALA B 90 -16.93 -2.84 3.60
C ALA B 90 -15.49 -2.34 3.68
N THR B 91 -14.57 -3.26 3.92
CA THR B 91 -13.15 -2.93 4.00
C THR B 91 -12.59 -2.68 2.59
N LEU B 92 -11.89 -1.57 2.43
CA LEU B 92 -11.32 -1.21 1.14
C LEU B 92 -9.90 -1.74 0.98
N THR B 93 -9.65 -2.38 -0.16
CA THR B 93 -8.31 -2.81 -0.54
C THR B 93 -7.82 -2.01 -1.74
N ILE B 94 -6.79 -1.20 -1.51
CA ILE B 94 -6.20 -0.35 -2.54
C ILE B 94 -4.83 -0.88 -2.94
N GLU B 95 -4.64 -1.01 -4.25
CA GLU B 95 -3.43 -1.59 -4.80
C GLU B 95 -2.90 -0.76 -5.96
N GLU B 96 -1.58 -0.65 -6.06
CA GLU B 96 -0.93 -0.06 -7.22
C GLU B 96 -0.67 -1.15 -8.26
N THR B 97 -0.79 -0.81 -9.53
CA THR B 97 -0.59 -1.78 -10.59
C THR B 97 -0.02 -1.14 -11.85
N ASN B 98 0.75 -1.92 -12.60
CA ASN B 98 1.24 -1.49 -13.91
C ASN B 98 0.37 -2.04 -15.02
N GLU B 99 -0.76 -2.62 -14.64
CA GLU B 99 -1.75 -3.12 -15.59
C GLU B 99 -2.32 -1.98 -16.44
N PRO B 100 -2.58 -2.25 -17.72
CA PRO B 100 -3.22 -1.22 -18.56
C PRO B 100 -4.64 -0.94 -18.10
N MET B 101 -5.06 0.32 -18.21
CA MET B 101 -6.40 0.72 -17.80
C MET B 101 -7.43 0.00 -18.67
N PRO B 102 -8.47 -0.58 -18.05
CA PRO B 102 -9.47 -1.30 -18.85
C PRO B 102 -10.41 -0.37 -19.59
S SO4 C . 0.13 6.48 10.95
O1 SO4 C . -0.98 7.42 10.86
O2 SO4 C . 1.39 7.23 10.93
O3 SO4 C . 0.04 5.74 12.21
O4 SO4 C . 0.09 5.55 9.83
S SO4 D . 9.87 3.05 -8.54
O1 SO4 D . 9.97 2.13 -7.41
O2 SO4 D . 10.52 4.31 -8.19
O3 SO4 D . 8.47 3.29 -8.87
O4 SO4 D . 10.56 2.47 -9.70
S SO4 E . 18.44 9.20 11.51
O1 SO4 E . 18.83 9.23 12.92
O2 SO4 E . 17.80 10.45 11.15
O3 SO4 E . 19.61 8.99 10.68
O4 SO4 E . 17.49 8.10 11.32
#